data_6XAE
#
_entry.id   6XAE
#
_cell.length_a   62.236
_cell.length_b   62.236
_cell.length_c   156.811
_cell.angle_alpha   90.00
_cell.angle_beta   90.00
_cell.angle_gamma   90.00
#
_symmetry.space_group_name_H-M   'P 41 21 2'
#
loop_
_entity.id
_entity.type
_entity.pdbx_description
1 polymer 'Nuclear receptor ROR-gamma'
2 non-polymer 'trans-4-{(3aR,9bR)-7-[(2-chloro-6-fluorophenyl)methoxy]-9b-[(4-fluorophenyl)sulfonyl]-1,2,3a,4,5,9b-hexahydro-3H-benzo[e]indole-3-carbonyl}cyclohexane-1-carboxylic acid'
3 water water
#
_entity_poly.entity_id   1
_entity_poly.type   'polypeptide(L)'
_entity_poly.pdbx_seq_one_letter_code
;MGSSHHHHHHSSGLVPRGSHMASLTEIEHLVQSVCKSYRETCQLRLEDLLRQRSNIFSREEVTGYQRKSMWEMWERCAHH
LTEAIQYVVEFAKRLSGFMELCQNDQIVLLKAGAMEVVLVRMCRAYNADNRTVFFEGKYGGMELFRALGCSELISSIFDF
SHSLSALHFSEDEIALYTALVLINAHRPGLQEKRKVEQLQYNLELAFHHHLCKTHRQSILAKLPPKGKLRSLCSQHVERL
QIFQHLHPIVVQAAFPPLYKELFSTSGGSGGLTERHKILHRLLQE
;
_entity_poly.pdbx_strand_id   A
#
# COMPACT_ATOMS: atom_id res chain seq x y z
N MET A 21 -27.25 1.71 -13.27
CA MET A 21 -27.73 0.36 -12.97
C MET A 21 -26.85 -0.38 -11.93
N ALA A 22 -27.50 -0.82 -10.82
CA ALA A 22 -27.02 -1.60 -9.67
C ALA A 22 -28.03 -1.40 -8.52
N SER A 23 -28.62 -2.48 -7.99
CA SER A 23 -29.60 -2.40 -6.89
C SER A 23 -28.92 -2.48 -5.50
N LEU A 24 -29.70 -2.35 -4.41
CA LEU A 24 -29.13 -2.44 -3.06
C LEU A 24 -28.56 -3.85 -2.73
N THR A 25 -28.75 -4.85 -3.64
CA THR A 25 -28.20 -6.20 -3.50
C THR A 25 -26.91 -6.38 -4.28
N GLU A 26 -26.86 -5.80 -5.47
CA GLU A 26 -25.69 -5.87 -6.33
C GLU A 26 -24.58 -4.99 -5.76
N ILE A 27 -24.93 -3.88 -5.02
CA ILE A 27 -24.00 -2.97 -4.34
C ILE A 27 -23.50 -3.68 -3.06
N GLU A 28 -24.40 -4.33 -2.29
CA GLU A 28 -24.04 -5.04 -1.07
C GLU A 28 -23.18 -6.27 -1.36
N HIS A 29 -23.47 -6.99 -2.45
CA HIS A 29 -22.73 -8.22 -2.84
C HIS A 29 -21.28 -7.87 -3.20
N LEU A 30 -21.10 -6.73 -3.85
CA LEU A 30 -19.80 -6.18 -4.18
C LEU A 30 -18.99 -5.93 -2.88
N VAL A 31 -19.61 -5.28 -1.85
CA VAL A 31 -19.00 -5.04 -0.52
C VAL A 31 -18.35 -6.31 0.02
N GLN A 32 -19.09 -7.44 -0.01
CA GLN A 32 -18.62 -8.67 0.59
C GLN A 32 -17.58 -9.39 -0.24
N SER A 33 -17.62 -9.24 -1.55
CA SER A 33 -16.60 -9.81 -2.41
C SER A 33 -15.33 -8.94 -2.42
N VAL A 34 -15.44 -7.62 -2.11
CA VAL A 34 -14.29 -6.72 -1.99
C VAL A 34 -13.63 -7.05 -0.66
N CYS A 35 -14.40 -7.18 0.42
CA CYS A 35 -13.85 -7.54 1.73
C CYS A 35 -13.17 -8.90 1.68
N LYS A 36 -13.76 -9.86 0.95
CA LYS A 36 -13.19 -11.20 0.78
C LYS A 36 -11.87 -11.16 0.03
N SER A 37 -11.82 -10.48 -1.13
CA SER A 37 -10.60 -10.37 -1.95
C SER A 37 -9.47 -9.75 -1.13
N TYR A 38 -9.79 -8.76 -0.31
CA TYR A 38 -8.83 -8.09 0.57
C TYR A 38 -8.36 -9.06 1.66
N ARG A 39 -9.27 -9.77 2.35
CA ARG A 39 -8.96 -10.73 3.43
C ARG A 39 -7.91 -11.76 2.93
N GLU A 40 -8.21 -12.36 1.77
CA GLU A 40 -7.41 -13.38 1.13
C GLU A 40 -6.08 -12.93 0.53
N THR A 41 -5.84 -11.60 0.44
CA THR A 41 -4.62 -11.13 -0.22
C THR A 41 -3.71 -10.27 0.63
N CYS A 42 -3.86 -10.27 1.95
CA CYS A 42 -2.94 -9.50 2.80
C CYS A 42 -1.67 -10.31 3.06
N GLN A 43 -0.51 -9.64 3.03
CA GLN A 43 0.79 -10.27 3.29
C GLN A 43 0.81 -10.83 4.72
N LEU A 44 0.36 -10.03 5.69
CA LEU A 44 0.33 -10.38 7.11
C LEU A 44 -1.08 -10.39 7.70
N ARG A 45 -1.33 -11.30 8.64
CA ARG A 45 -2.61 -11.39 9.33
C ARG A 45 -2.65 -10.32 10.45
N LEU A 46 -3.76 -9.56 10.57
CA LEU A 46 -3.90 -8.52 11.59
C LEU A 46 -3.79 -9.08 13.02
N GLU A 47 -4.37 -10.28 13.27
CA GLU A 47 -4.30 -10.94 14.58
C GLU A 47 -2.83 -11.20 14.95
N ASP A 48 -2.03 -11.64 13.97
CA ASP A 48 -0.62 -11.89 14.18
C ASP A 48 0.09 -10.58 14.49
N LEU A 49 -0.11 -9.54 13.67
CA LEU A 49 0.51 -8.23 13.89
C LEU A 49 0.18 -7.64 15.26
N LEU A 50 -1.03 -7.88 15.74
CA LEU A 50 -1.47 -7.37 17.03
C LEU A 50 -0.83 -8.12 18.19
N ARG A 51 -0.67 -9.45 18.08
CA ARG A 51 -0.09 -10.26 19.15
C ARG A 51 1.40 -10.04 19.33
N GLN A 52 2.11 -9.60 18.28
CA GLN A 52 3.56 -9.32 18.31
C GLN A 52 3.87 -7.88 18.75
N ARG A 53 2.86 -7.07 19.13
CA ARG A 53 3.03 -5.66 19.49
C ARG A 53 4.03 -5.38 20.63
N SER A 54 4.12 -6.32 21.58
CA SER A 54 5.01 -6.24 22.74
C SER A 54 6.43 -6.81 22.48
N ASN A 55 6.63 -7.46 21.33
CA ASN A 55 7.92 -8.00 20.89
C ASN A 55 8.64 -6.82 20.22
N ILE A 56 9.31 -5.96 21.02
CA ILE A 56 9.95 -4.77 20.47
C ILE A 56 11.47 -4.87 20.35
N PHE A 57 12.02 -4.27 19.30
CA PHE A 57 13.46 -4.24 19.05
C PHE A 57 14.25 -3.54 20.18
N SER A 58 15.28 -4.21 20.71
CA SER A 58 16.14 -3.69 21.78
C SER A 58 16.95 -2.47 21.36
N ARG A 59 17.55 -1.74 22.34
CA ARG A 59 18.41 -0.59 22.08
C ARG A 59 19.60 -1.03 21.19
N GLU A 60 20.16 -2.24 21.47
CA GLU A 60 21.29 -2.87 20.78
C GLU A 60 20.95 -3.25 19.36
N GLU A 61 19.72 -3.74 19.15
CA GLU A 61 19.24 -4.15 17.84
C GLU A 61 18.95 -2.93 16.97
N VAL A 62 18.44 -1.84 17.56
CA VAL A 62 18.20 -0.60 16.83
C VAL A 62 19.54 -0.02 16.38
N THR A 63 20.54 -0.05 17.27
CA THR A 63 21.90 0.44 16.99
C THR A 63 22.58 -0.46 15.92
N GLY A 64 22.22 -1.74 15.85
CA GLY A 64 22.72 -2.63 14.82
C GLY A 64 22.18 -2.25 13.46
N TYR A 65 20.89 -1.84 13.41
CA TYR A 65 20.28 -1.41 12.17
C TYR A 65 20.85 -0.09 11.70
N GLN A 66 21.11 0.85 12.62
CA GLN A 66 21.69 2.15 12.24
C GLN A 66 23.10 2.00 11.70
N ARG A 67 23.87 1.05 12.27
CA ARG A 67 25.25 0.76 11.84
C ARG A 67 25.31 0.03 10.49
N LYS A 68 24.18 -0.53 10.01
CA LYS A 68 24.17 -1.21 8.72
C LYS A 68 24.35 -0.19 7.57
N SER A 69 24.85 -0.65 6.42
CA SER A 69 25.11 0.25 5.31
C SER A 69 23.82 0.75 4.67
N MET A 70 23.84 1.97 4.11
CA MET A 70 22.67 2.55 3.45
C MET A 70 22.13 1.66 2.35
N TRP A 71 23.02 1.11 1.52
CA TRP A 71 22.62 0.24 0.43
C TRP A 71 22.05 -1.10 0.94
N GLU A 72 22.51 -1.57 2.11
CA GLU A 72 21.99 -2.79 2.70
C GLU A 72 20.55 -2.54 3.13
N MET A 73 20.33 -1.43 3.85
CA MET A 73 18.99 -1.08 4.30
C MET A 73 18.04 -0.85 3.12
N TRP A 74 18.54 -0.20 2.07
CA TRP A 74 17.78 0.06 0.86
C TRP A 74 17.28 -1.23 0.21
N GLU A 75 18.17 -2.22 0.04
CA GLU A 75 17.85 -3.49 -0.54
C GLU A 75 16.86 -4.26 0.33
N ARG A 76 17.00 -4.16 1.67
CA ARG A 76 16.09 -4.84 2.61
C ARG A 76 14.70 -4.29 2.49
N CYS A 77 14.56 -2.95 2.53
CA CYS A 77 13.28 -2.27 2.43
C CYS A 77 12.66 -2.46 1.06
N ALA A 78 13.46 -2.41 -0.02
CA ALA A 78 12.94 -2.62 -1.36
C ALA A 78 12.44 -4.05 -1.54
N HIS A 79 13.12 -5.03 -0.91
CA HIS A 79 12.71 -6.43 -0.96
C HIS A 79 11.37 -6.57 -0.23
N HIS A 80 11.28 -6.02 0.99
CA HIS A 80 10.03 -6.05 1.73
C HIS A 80 8.90 -5.35 0.99
N LEU A 81 9.18 -4.19 0.34
CA LEU A 81 8.18 -3.47 -0.47
C LEU A 81 7.68 -4.32 -1.65
N THR A 82 8.59 -5.03 -2.34
CA THR A 82 8.25 -5.91 -3.45
C THR A 82 7.36 -7.03 -2.94
N GLU A 83 7.74 -7.66 -1.80
CA GLU A 83 7.00 -8.72 -1.12
C GLU A 83 5.51 -8.31 -0.95
N ALA A 84 5.24 -7.07 -0.44
CA ALA A 84 3.92 -6.51 -0.21
C ALA A 84 3.16 -6.18 -1.52
N ILE A 85 3.84 -5.58 -2.50
CA ILE A 85 3.23 -5.23 -3.80
C ILE A 85 2.73 -6.48 -4.54
N GLN A 86 3.40 -7.63 -4.32
CA GLN A 86 3.01 -8.88 -4.93
C GLN A 86 1.62 -9.29 -4.47
N TYR A 87 1.29 -9.07 -3.17
CA TYR A 87 -0.04 -9.33 -2.58
C TYR A 87 -1.10 -8.30 -3.07
N VAL A 88 -0.66 -7.07 -3.39
CA VAL A 88 -1.52 -6.05 -3.96
C VAL A 88 -1.90 -6.47 -5.40
N VAL A 89 -0.98 -7.13 -6.14
CA VAL A 89 -1.30 -7.65 -7.47
C VAL A 89 -2.39 -8.73 -7.32
N GLU A 90 -2.28 -9.65 -6.35
CA GLU A 90 -3.32 -10.67 -6.11
C GLU A 90 -4.65 -10.07 -5.66
N PHE A 91 -4.61 -8.95 -4.91
CA PHE A 91 -5.81 -8.24 -4.48
C PHE A 91 -6.51 -7.69 -5.73
N ALA A 92 -5.71 -7.08 -6.66
CA ALA A 92 -6.21 -6.50 -7.89
C ALA A 92 -6.76 -7.58 -8.78
N LYS A 93 -6.09 -8.72 -8.88
CA LYS A 93 -6.54 -9.83 -9.72
C LYS A 93 -7.86 -10.43 -9.26
N ARG A 94 -8.14 -10.36 -7.95
CA ARG A 94 -9.40 -10.87 -7.42
C ARG A 94 -10.51 -9.83 -7.34
N LEU A 95 -10.14 -8.54 -7.47
CA LEU A 95 -11.07 -7.43 -7.44
C LEU A 95 -12.07 -7.57 -8.58
N SER A 96 -13.37 -7.54 -8.25
CA SER A 96 -14.45 -7.70 -9.22
C SER A 96 -14.31 -6.74 -10.41
N GLY A 97 -14.15 -7.29 -11.61
CA GLY A 97 -14.08 -6.47 -12.82
C GLY A 97 -12.74 -5.85 -13.14
N PHE A 98 -11.68 -6.11 -12.35
CA PHE A 98 -10.34 -5.57 -12.68
C PHE A 98 -9.75 -6.38 -13.79
N MET A 99 -9.90 -7.72 -13.73
CA MET A 99 -9.34 -8.57 -14.79
C MET A 99 -10.07 -8.44 -16.14
N GLU A 100 -11.21 -7.75 -16.17
CA GLU A 100 -12.02 -7.56 -17.36
C GLU A 100 -11.62 -6.29 -18.15
N LEU A 101 -10.87 -5.34 -17.53
CA LEU A 101 -10.32 -4.18 -18.25
C LEU A 101 -9.14 -4.67 -19.16
N CYS A 102 -8.55 -3.78 -19.97
CA CYS A 102 -7.44 -4.18 -20.83
C CYS A 102 -6.13 -4.30 -20.05
N GLN A 103 -5.16 -5.09 -20.56
CA GLN A 103 -3.87 -5.29 -19.92
C GLN A 103 -3.12 -3.97 -19.72
N ASN A 104 -3.21 -3.04 -20.69
CA ASN A 104 -2.57 -1.74 -20.57
C ASN A 104 -3.17 -0.95 -19.37
N ASP A 105 -4.50 -1.02 -19.15
CA ASP A 105 -5.15 -0.33 -18.03
C ASP A 105 -4.84 -1.00 -16.71
N GLN A 106 -4.70 -2.35 -16.70
CA GLN A 106 -4.32 -3.10 -15.51
C GLN A 106 -2.94 -2.67 -15.04
N ILE A 107 -1.99 -2.48 -15.97
CA ILE A 107 -0.64 -2.02 -15.60
C ILE A 107 -0.67 -0.57 -15.21
N VAL A 108 -1.47 0.26 -15.88
CA VAL A 108 -1.56 1.69 -15.56
C VAL A 108 -2.01 1.84 -14.11
N LEU A 109 -3.07 1.10 -13.76
CA LEU A 109 -3.66 1.13 -12.43
C LEU A 109 -2.74 0.60 -11.36
N LEU A 110 -2.00 -0.48 -11.65
CA LEU A 110 -1.08 -1.09 -10.70
C LEU A 110 0.23 -0.31 -10.54
N LYS A 111 0.75 0.26 -11.62
CA LYS A 111 1.98 1.05 -11.57
C LYS A 111 1.81 2.26 -10.68
N ALA A 112 0.67 2.94 -10.84
CA ALA A 112 0.32 4.13 -10.07
C ALA A 112 -0.25 3.82 -8.69
N GLY A 113 -1.08 2.78 -8.61
CA GLY A 113 -1.79 2.41 -7.39
C GLY A 113 -1.18 1.45 -6.39
N ALA A 114 -0.44 0.41 -6.84
CA ALA A 114 0.12 -0.58 -5.90
C ALA A 114 0.84 -0.01 -4.67
N MET A 115 1.72 0.98 -4.86
CA MET A 115 2.46 1.59 -3.76
C MET A 115 1.52 2.25 -2.77
N GLU A 116 0.51 2.98 -3.28
CA GLU A 116 -0.51 3.66 -2.46
C GLU A 116 -1.33 2.64 -1.67
N VAL A 117 -1.64 1.49 -2.27
CA VAL A 117 -2.36 0.42 -1.60
C VAL A 117 -1.51 -0.16 -0.45
N VAL A 118 -0.18 -0.31 -0.64
CA VAL A 118 0.74 -0.73 0.42
C VAL A 118 0.84 0.41 1.47
N LEU A 119 0.82 1.68 1.03
CA LEU A 119 0.87 2.86 1.91
C LEU A 119 -0.34 2.91 2.87
N VAL A 120 -1.48 2.34 2.47
CA VAL A 120 -2.66 2.27 3.32
C VAL A 120 -2.61 0.99 4.18
N ARG A 121 -2.32 -0.17 3.55
CA ARG A 121 -2.17 -1.49 4.18
C ARG A 121 -1.17 -1.43 5.35
N MET A 122 -0.09 -0.67 5.16
CA MET A 122 1.00 -0.39 6.10
C MET A 122 0.51 0.02 7.53
N CYS A 123 -0.60 0.77 7.63
CA CYS A 123 -1.15 1.21 8.92
C CYS A 123 -1.49 0.04 9.85
N ARG A 124 -1.75 -1.16 9.30
CA ARG A 124 -2.03 -2.34 10.13
C ARG A 124 -0.78 -2.83 10.88
N ALA A 125 0.41 -2.59 10.31
CA ALA A 125 1.67 -2.94 10.98
C ALA A 125 2.17 -1.81 11.89
N TYR A 126 1.40 -0.71 12.05
CA TYR A 126 1.72 0.43 12.88
C TYR A 126 1.07 0.30 14.27
N ASN A 127 1.65 1.00 15.26
CA ASN A 127 1.19 1.05 16.64
C ASN A 127 1.35 2.53 17.08
N ALA A 128 0.28 3.36 16.98
CA ALA A 128 0.32 4.80 17.33
C ALA A 128 0.76 5.08 18.78
N ASP A 129 0.32 4.14 19.63
CA ASP A 129 0.54 3.89 21.04
C ASP A 129 2.06 4.03 21.43
N ASN A 130 2.94 3.29 20.73
CA ASN A 130 4.41 3.32 20.95
C ASN A 130 5.20 3.97 19.81
N ARG A 131 4.49 4.40 18.73
CA ARG A 131 4.94 5.02 17.48
C ARG A 131 5.91 4.12 16.69
N THR A 132 5.69 2.80 16.76
CA THR A 132 6.55 1.81 16.09
C THR A 132 5.82 1.06 14.98
N VAL A 133 6.60 0.57 14.02
CA VAL A 133 6.09 -0.20 12.90
C VAL A 133 6.71 -1.61 12.94
N PHE A 134 5.99 -2.62 12.45
CA PHE A 134 6.51 -3.98 12.42
C PHE A 134 7.48 -4.11 11.23
N PHE A 135 8.69 -4.60 11.50
CA PHE A 135 9.72 -4.74 10.49
C PHE A 135 10.65 -5.85 10.88
N GLU A 136 10.82 -6.85 10.00
CA GLU A 136 11.71 -7.98 10.18
C GLU A 136 11.56 -8.75 11.49
N GLY A 137 10.32 -8.88 11.96
CA GLY A 137 10.01 -9.70 13.12
C GLY A 137 9.55 -9.05 14.40
N LYS A 138 9.94 -7.78 14.60
CA LYS A 138 9.64 -7.00 15.80
C LYS A 138 9.21 -5.58 15.45
N TYR A 139 8.71 -4.83 16.43
CA TYR A 139 8.31 -3.44 16.27
C TYR A 139 9.48 -2.49 16.52
N GLY A 140 9.56 -1.40 15.76
CA GLY A 140 10.63 -0.41 15.90
C GLY A 140 10.22 0.96 15.39
N GLY A 141 10.71 2.02 16.03
CA GLY A 141 10.40 3.38 15.65
C GLY A 141 11.26 3.94 14.51
N MET A 142 10.95 5.16 14.07
CA MET A 142 11.59 5.87 12.98
C MET A 142 13.11 5.77 12.91
N GLU A 143 13.77 5.78 14.09
CA GLU A 143 15.24 5.76 14.17
C GLU A 143 15.87 4.41 13.76
N LEU A 144 15.04 3.38 13.54
CA LEU A 144 15.46 2.08 13.03
C LEU A 144 15.83 2.22 11.53
N PHE A 145 15.31 3.23 10.82
CA PHE A 145 15.57 3.43 9.40
C PHE A 145 16.54 4.58 9.12
N ARG A 146 17.36 4.99 10.11
CA ARG A 146 18.30 6.10 9.94
C ARG A 146 19.35 5.90 8.87
N ALA A 147 19.82 4.65 8.69
CA ALA A 147 20.85 4.34 7.70
C ALA A 147 20.42 4.65 6.27
N LEU A 148 19.12 4.59 5.99
CA LEU A 148 18.57 4.87 4.67
C LEU A 148 18.87 6.28 4.17
N GLY A 149 19.01 7.24 5.07
CA GLY A 149 19.23 8.63 4.70
C GLY A 149 17.98 9.20 4.07
N CYS A 150 16.79 8.80 4.60
CA CYS A 150 15.47 9.24 4.16
C CYS A 150 14.74 9.82 5.36
N SER A 151 15.38 10.79 6.01
CA SER A 151 14.86 11.47 7.20
C SER A 151 13.40 11.94 7.04
N GLU A 152 13.13 12.70 5.98
CA GLU A 152 11.78 13.21 5.74
C GLU A 152 10.81 12.15 5.20
N LEU A 153 11.30 11.23 4.38
CA LEU A 153 10.45 10.21 3.77
C LEU A 153 9.88 9.24 4.78
N ILE A 154 10.74 8.58 5.59
CA ILE A 154 10.34 7.65 6.66
C ILE A 154 9.40 8.43 7.61
N SER A 155 9.74 9.68 7.97
CA SER A 155 8.88 10.54 8.78
C SER A 155 7.45 10.65 8.21
N SER A 156 7.31 10.88 6.89
CA SER A 156 5.99 11.02 6.24
C SER A 156 5.25 9.71 6.31
N ILE A 157 5.92 8.57 6.04
CA ILE A 157 5.33 7.24 6.10
C ILE A 157 4.76 6.99 7.51
N PHE A 158 5.52 7.37 8.54
CA PHE A 158 5.10 7.20 9.93
C PHE A 158 3.89 8.09 10.28
N ASP A 159 3.92 9.38 9.84
CA ASP A 159 2.82 10.34 10.04
C ASP A 159 1.57 9.86 9.30
N PHE A 160 1.74 9.33 8.09
CA PHE A 160 0.63 8.82 7.31
C PHE A 160 -0.03 7.65 7.99
N SER A 161 0.76 6.79 8.63
CA SER A 161 0.22 5.66 9.38
C SER A 161 -0.44 6.14 10.67
N HIS A 162 0.12 7.19 11.29
CA HIS A 162 -0.43 7.78 12.49
C HIS A 162 -1.81 8.36 12.23
N SER A 163 -1.97 9.02 11.09
CA SER A 163 -3.24 9.63 10.71
C SER A 163 -4.34 8.57 10.44
N LEU A 164 -3.97 7.42 9.86
CA LEU A 164 -4.93 6.34 9.58
C LEU A 164 -5.30 5.58 10.87
N SER A 165 -4.44 5.60 11.88
CA SER A 165 -4.71 4.98 13.18
C SER A 165 -5.85 5.74 13.85
N ALA A 166 -5.83 7.09 13.76
CA ALA A 166 -6.82 7.98 14.33
C ALA A 166 -8.23 7.67 13.81
N LEU A 167 -8.35 7.17 12.56
CA LEU A 167 -9.62 6.80 11.95
C LEU A 167 -10.20 5.47 12.48
N HIS A 168 -9.40 4.68 13.21
CA HIS A 168 -9.81 3.39 13.79
C HIS A 168 -10.51 2.47 12.79
N PHE A 169 -9.94 2.41 11.57
CA PHE A 169 -10.45 1.62 10.45
C PHE A 169 -10.79 0.22 10.80
N SER A 170 -11.87 -0.29 10.22
CA SER A 170 -12.20 -1.70 10.33
C SER A 170 -11.51 -2.35 9.13
N GLU A 171 -11.34 -3.67 9.16
CA GLU A 171 -10.71 -4.35 8.02
C GLU A 171 -11.57 -4.21 6.76
N ASP A 172 -12.90 -4.27 6.92
CA ASP A 172 -13.83 -4.08 5.83
C ASP A 172 -13.71 -2.66 5.24
N GLU A 173 -13.41 -1.64 6.08
CA GLU A 173 -13.21 -0.25 5.62
C GLU A 173 -11.92 -0.09 4.86
N ILE A 174 -10.86 -0.76 5.34
CA ILE A 174 -9.57 -0.78 4.63
C ILE A 174 -9.73 -1.46 3.27
N ALA A 175 -10.52 -2.53 3.22
CA ALA A 175 -10.79 -3.25 1.99
C ALA A 175 -11.47 -2.36 0.94
N LEU A 176 -12.57 -1.68 1.32
CA LEU A 176 -13.33 -0.84 0.41
C LEU A 176 -12.56 0.40 -0.02
N TYR A 177 -11.77 0.98 0.91
CA TYR A 177 -10.96 2.17 0.64
C TYR A 177 -9.78 1.83 -0.25
N THR A 178 -9.03 0.74 0.04
CA THR A 178 -7.89 0.37 -0.80
C THR A 178 -8.35 0.01 -2.20
N ALA A 179 -9.50 -0.67 -2.35
CA ALA A 179 -10.02 -0.98 -3.69
C ALA A 179 -10.27 0.31 -4.51
N LEU A 180 -10.69 1.37 -3.84
CA LEU A 180 -10.91 2.68 -4.44
C LEU A 180 -9.59 3.40 -4.76
N VAL A 181 -8.52 3.11 -4.00
CA VAL A 181 -7.19 3.64 -4.25
C VAL A 181 -6.68 3.05 -5.58
N LEU A 182 -6.91 1.74 -5.78
CA LEU A 182 -6.48 1.05 -6.98
C LEU A 182 -7.34 1.37 -8.21
N ILE A 183 -8.66 1.37 -8.03
CA ILE A 183 -9.57 1.68 -9.13
C ILE A 183 -9.81 3.22 -9.22
N ASN A 184 -8.93 3.91 -9.94
CA ASN A 184 -8.92 5.37 -10.12
C ASN A 184 -9.04 5.69 -11.62
N ALA A 185 -10.25 6.13 -12.08
CA ALA A 185 -10.43 6.44 -13.50
C ALA A 185 -9.68 7.70 -14.00
N HIS A 186 -9.06 8.43 -13.08
CA HIS A 186 -8.30 9.62 -13.41
C HIS A 186 -6.82 9.37 -13.63
N ARG A 187 -6.37 8.11 -13.64
CA ARG A 187 -4.97 7.81 -13.86
C ARG A 187 -4.65 8.05 -15.33
N PRO A 188 -3.55 8.79 -15.61
CA PRO A 188 -3.19 9.09 -17.02
C PRO A 188 -2.76 7.84 -17.76
N GLY A 189 -3.10 7.78 -19.04
CA GLY A 189 -2.70 6.64 -19.86
C GLY A 189 -3.72 5.52 -19.95
N LEU A 190 -4.89 5.73 -19.36
CA LEU A 190 -5.97 4.76 -19.40
C LEU A 190 -6.63 4.82 -20.77
N GLN A 191 -6.74 3.67 -21.42
CA GLN A 191 -7.37 3.57 -22.74
C GLN A 191 -8.90 3.58 -22.59
N GLU A 192 -9.49 2.58 -21.92
CA GLU A 192 -10.94 2.56 -21.72
C GLU A 192 -11.28 3.30 -20.43
N LYS A 193 -11.15 4.64 -20.47
CA LYS A 193 -11.39 5.55 -19.34
C LYS A 193 -12.78 5.38 -18.76
N ARG A 194 -13.78 5.18 -19.62
CA ARG A 194 -15.15 5.02 -19.13
C ARG A 194 -15.38 3.67 -18.47
N LYS A 195 -14.75 2.59 -18.95
CA LYS A 195 -14.87 1.28 -18.32
C LYS A 195 -14.30 1.28 -16.90
N VAL A 196 -13.24 2.10 -16.65
CA VAL A 196 -12.65 2.25 -15.31
C VAL A 196 -13.49 3.21 -14.45
N GLU A 197 -14.15 4.18 -15.07
CA GLU A 197 -15.04 5.12 -14.39
C GLU A 197 -16.27 4.38 -13.87
N GLN A 198 -16.81 3.43 -14.67
CA GLN A 198 -17.96 2.63 -14.32
C GLN A 198 -17.62 1.77 -13.12
N LEU A 199 -16.42 1.17 -13.10
CA LEU A 199 -15.96 0.34 -11.99
C LEU A 199 -15.74 1.13 -10.69
N GLN A 200 -15.04 2.27 -10.78
CA GLN A 200 -14.78 3.16 -9.65
C GLN A 200 -16.10 3.60 -8.98
N TYR A 201 -17.16 3.88 -9.77
CA TYR A 201 -18.44 4.30 -9.24
C TYR A 201 -19.12 3.22 -8.38
N ASN A 202 -19.13 1.96 -8.85
CA ASN A 202 -19.73 0.86 -8.11
C ASN A 202 -19.04 0.65 -6.77
N LEU A 203 -17.70 0.75 -6.75
CA LEU A 203 -16.90 0.60 -5.55
C LEU A 203 -17.13 1.77 -4.60
N GLU A 204 -17.28 2.98 -5.14
CA GLU A 204 -17.58 4.15 -4.33
C GLU A 204 -18.96 4.00 -3.68
N LEU A 205 -19.93 3.46 -4.44
CA LEU A 205 -21.29 3.20 -3.94
C LEU A 205 -21.24 2.16 -2.83
N ALA A 206 -20.41 1.12 -3.00
CA ALA A 206 -20.24 0.03 -2.05
C ALA A 206 -19.57 0.54 -0.77
N PHE A 207 -18.61 1.43 -0.90
CA PHE A 207 -17.91 2.00 0.22
C PHE A 207 -18.83 2.92 1.00
N HIS A 208 -19.44 3.91 0.34
CA HIS A 208 -20.32 4.87 1.00
C HIS A 208 -21.56 4.21 1.57
N HIS A 209 -22.06 3.14 0.94
CA HIS A 209 -23.21 2.42 1.47
C HIS A 209 -22.81 1.70 2.74
N HIS A 210 -21.65 1.02 2.74
CA HIS A 210 -21.18 0.34 3.94
C HIS A 210 -20.93 1.33 5.09
N LEU A 211 -20.39 2.51 4.77
CA LEU A 211 -20.17 3.56 5.76
C LEU A 211 -21.49 4.08 6.31
N CYS A 212 -22.49 4.23 5.45
CA CYS A 212 -23.81 4.71 5.88
C CYS A 212 -24.43 3.69 6.84
N LYS A 213 -24.54 2.44 6.37
CA LYS A 213 -25.12 1.33 7.10
C LYS A 213 -24.46 1.08 8.48
N THR A 214 -23.12 1.18 8.53
CA THR A 214 -22.37 0.96 9.77
C THR A 214 -22.32 2.19 10.69
N HIS A 215 -22.92 3.33 10.26
CA HIS A 215 -22.95 4.61 10.97
C HIS A 215 -21.52 5.15 11.15
N ARG A 216 -20.73 5.02 10.08
CA ARG A 216 -19.34 5.43 10.01
C ARG A 216 -19.11 6.40 8.86
N GLN A 217 -20.13 7.19 8.48
CA GLN A 217 -20.00 8.18 7.41
C GLN A 217 -19.08 9.35 7.79
N SER A 218 -18.95 9.62 9.11
CA SER A 218 -18.10 10.66 9.66
C SER A 218 -16.62 10.52 9.27
N ILE A 219 -16.19 9.32 8.85
CA ILE A 219 -14.80 9.12 8.44
C ILE A 219 -14.46 9.85 7.17
N LEU A 220 -15.43 9.98 6.25
CA LEU A 220 -15.27 10.59 4.93
C LEU A 220 -14.52 11.92 4.94
N ALA A 221 -14.89 12.79 5.88
CA ALA A 221 -14.29 14.11 6.06
C ALA A 221 -12.84 14.03 6.58
N LYS A 222 -12.51 12.97 7.32
CA LYS A 222 -11.21 12.74 7.91
C LYS A 222 -10.24 11.87 7.05
N LEU A 223 -10.68 11.30 5.90
CA LEU A 223 -9.79 10.51 5.02
C LEU A 223 -8.71 11.42 4.46
N PRO A 224 -7.46 10.91 4.33
CA PRO A 224 -6.38 11.78 3.83
C PRO A 224 -6.67 12.32 2.45
N PRO A 225 -6.24 13.56 2.14
CA PRO A 225 -6.47 14.10 0.79
C PRO A 225 -5.83 13.23 -0.31
N LYS A 226 -6.10 13.54 -1.59
CA LYS A 226 -5.53 12.76 -2.71
C LYS A 226 -3.99 12.98 -2.84
N GLY A 227 -3.57 14.21 -2.51
CA GLY A 227 -2.17 14.60 -2.59
C GLY A 227 -1.28 14.01 -1.52
N LYS A 228 -1.84 13.57 -0.38
CA LYS A 228 -1.01 12.99 0.69
C LYS A 228 -0.34 11.69 0.18
N LEU A 229 -1.14 10.85 -0.49
CA LEU A 229 -0.67 9.59 -1.06
C LEU A 229 0.19 9.80 -2.31
N ARG A 230 -0.11 10.85 -3.08
CA ARG A 230 0.63 11.16 -4.29
C ARG A 230 2.04 11.68 -3.94
N SER A 231 2.17 12.61 -2.99
CA SER A 231 3.48 13.14 -2.60
C SER A 231 4.40 12.08 -1.97
N LEU A 232 3.83 11.01 -1.42
CA LEU A 232 4.60 9.97 -0.76
C LEU A 232 5.27 9.09 -1.79
N CYS A 233 4.54 8.73 -2.85
CA CYS A 233 5.11 7.96 -3.94
C CYS A 233 6.15 8.80 -4.69
N SER A 234 5.93 10.10 -4.79
CA SER A 234 6.83 11.01 -5.47
C SER A 234 8.13 11.19 -4.71
N GLN A 235 8.04 11.28 -3.37
CA GLN A 235 9.18 11.40 -2.49
C GLN A 235 10.03 10.13 -2.58
N HIS A 236 9.37 8.97 -2.65
CA HIS A 236 10.03 7.68 -2.78
C HIS A 236 10.82 7.64 -4.09
N VAL A 237 10.22 8.04 -5.23
CA VAL A 237 10.90 8.04 -6.52
C VAL A 237 12.04 9.08 -6.56
N GLU A 238 11.87 10.23 -5.89
CA GLU A 238 12.91 11.25 -5.76
C GLU A 238 14.15 10.73 -5.00
N ARG A 239 13.98 10.18 -3.77
CA ARG A 239 15.11 9.63 -3.02
C ARG A 239 15.71 8.45 -3.74
N LEU A 240 14.90 7.66 -4.46
CA LEU A 240 15.39 6.51 -5.19
C LEU A 240 16.27 6.98 -6.32
N GLN A 241 15.84 8.01 -7.07
CA GLN A 241 16.65 8.55 -8.15
C GLN A 241 18.02 9.07 -7.65
N ILE A 242 18.07 9.52 -6.37
CA ILE A 242 19.29 9.98 -5.70
C ILE A 242 20.22 8.78 -5.36
N PHE A 243 19.64 7.74 -4.74
CA PHE A 243 20.39 6.56 -4.34
C PHE A 243 20.94 5.83 -5.55
N GLN A 244 20.13 5.70 -6.60
CA GLN A 244 20.50 5.03 -7.85
C GLN A 244 21.63 5.77 -8.56
N HIS A 245 21.64 7.11 -8.47
CA HIS A 245 22.68 7.92 -9.07
C HIS A 245 24.03 7.68 -8.38
N LEU A 246 24.03 7.41 -7.08
CA LEU A 246 25.26 7.15 -6.32
C LEU A 246 25.66 5.66 -6.25
N HIS A 247 24.71 4.74 -6.44
CA HIS A 247 25.01 3.30 -6.39
C HIS A 247 24.26 2.60 -7.54
N PRO A 248 24.60 2.87 -8.83
CA PRO A 248 23.85 2.27 -9.94
C PRO A 248 23.99 0.77 -10.06
N ILE A 249 25.16 0.24 -9.72
CA ILE A 249 25.40 -1.21 -9.79
C ILE A 249 24.66 -1.91 -8.65
N VAL A 250 24.52 -1.25 -7.47
CA VAL A 250 23.78 -1.83 -6.36
C VAL A 250 22.32 -2.05 -6.77
N VAL A 251 21.73 -1.09 -7.49
CA VAL A 251 20.33 -1.21 -7.92
C VAL A 251 20.17 -2.28 -9.02
N GLN A 252 21.11 -2.37 -9.97
CA GLN A 252 21.05 -3.36 -11.06
C GLN A 252 21.11 -4.77 -10.52
N ALA A 253 22.09 -5.05 -9.67
CA ALA A 253 22.36 -6.38 -9.18
C ALA A 253 21.57 -6.83 -7.98
N ALA A 254 21.35 -5.96 -6.98
CA ALA A 254 20.70 -6.41 -5.75
C ALA A 254 19.21 -5.98 -5.57
N PHE A 255 18.72 -4.99 -6.35
CA PHE A 255 17.32 -4.59 -6.21
C PHE A 255 16.39 -5.50 -6.98
N PRO A 256 15.18 -5.78 -6.44
CA PRO A 256 14.25 -6.68 -7.12
C PRO A 256 13.80 -6.13 -8.45
N PRO A 257 13.61 -7.00 -9.46
CA PRO A 257 13.18 -6.53 -10.78
C PRO A 257 11.83 -5.80 -10.82
N LEU A 258 10.83 -6.32 -10.09
CA LEU A 258 9.52 -5.68 -10.04
C LEU A 258 9.59 -4.29 -9.34
N TYR A 259 10.55 -4.12 -8.39
CA TYR A 259 10.78 -2.85 -7.69
C TYR A 259 11.33 -1.84 -8.71
N LYS A 260 12.35 -2.25 -9.47
CA LYS A 260 12.96 -1.37 -10.49
C LYS A 260 11.93 -1.03 -11.59
N GLU A 261 11.08 -1.99 -11.92
CA GLU A 261 10.02 -1.79 -12.90
C GLU A 261 9.04 -0.74 -12.43
N LEU A 262 8.63 -0.79 -11.17
CA LEU A 262 7.63 0.13 -10.64
C LEU A 262 8.14 1.52 -10.31
N PHE A 263 9.42 1.68 -9.93
CA PHE A 263 9.91 2.98 -9.47
C PHE A 263 11.18 3.51 -10.13
N SER A 264 11.96 2.67 -10.81
CA SER A 264 13.24 3.10 -11.40
C SER A 264 13.09 3.86 -12.73
N LYS A 277 9.04 -6.19 -18.13
CA LYS A 277 7.60 -6.41 -17.99
C LYS A 277 7.24 -7.62 -17.05
N ILE A 278 7.60 -7.52 -15.73
CA ILE A 278 7.30 -8.46 -14.63
C ILE A 278 5.80 -8.40 -14.30
N LEU A 279 5.20 -7.20 -14.39
CA LEU A 279 3.78 -7.02 -14.11
C LEU A 279 2.93 -7.87 -15.06
N HIS A 280 3.26 -7.88 -16.35
CA HIS A 280 2.51 -8.68 -17.32
C HIS A 280 2.54 -10.17 -16.99
N ARG A 281 3.66 -10.66 -16.45
CA ARG A 281 3.83 -12.04 -16.03
C ARG A 281 2.89 -12.35 -14.85
N LEU A 282 2.91 -11.46 -13.84
CA LEU A 282 2.10 -11.59 -12.63
C LEU A 282 0.63 -11.61 -12.96
N LEU A 283 0.21 -10.78 -13.95
CA LEU A 283 -1.17 -10.61 -14.41
C LEU A 283 -1.74 -11.78 -15.22
N GLN A 284 -0.96 -12.83 -15.44
CA GLN A 284 -1.44 -14.01 -16.17
C GLN A 284 -1.65 -15.20 -15.24
N GLU A 285 -0.67 -15.46 -14.36
CA GLU A 285 -0.69 -16.54 -13.38
C GLU A 285 -1.96 -16.54 -12.54
#